data_6AFC
#
_entry.id   6AFC
#
_cell.length_a   75.430
_cell.length_b   75.430
_cell.length_c   75.890
_cell.angle_alpha   90.00
_cell.angle_beta   90.00
_cell.angle_gamma   120.00
#
_symmetry.space_group_name_H-M   'P 31 2 1'
#
loop_
_entity.id
_entity.type
_entity.pdbx_description
1 polymer 'Protein/nucleic acid deglycase DJ-1'
2 non-polymer 5-fluoranyl-1~{H}-indole-2,3-dione
3 non-polymer 'CHLORIDE ION'
4 water water
#
_entity_poly.entity_id   1
_entity_poly.type   'polypeptide(L)'
_entity_poly.pdbx_seq_one_letter_code
;MASKRALVILAKGAEEMETVIPVDVMRRAGIKVTVAGLAGKDPVQCSRDVVICPDASLEDAKKEGPYDVVVLPGGNLGAQ
NLSESAAVKEILKEQENRKGLIAAICAGPTALLAHEIGFGSKVTTHPLAKDKMMNGGHYTYSENRVEKDGLILTSRGPGT
SFEFALAIVEALNGKEVAAQVKAPLVLKD
;
_entity_poly.pdbx_strand_id   A
#
loop_
_chem_comp.id
_chem_comp.type
_chem_comp.name
_chem_comp.formula
72R non-polymer 5-fluoranyl-1~{H}-indole-2,3-dione 'C8 H4 F N O2'
CL non-polymer 'CHLORIDE ION' 'Cl -1'
#
# COMPACT_ATOMS: atom_id res chain seq x y z
N ALA A 2 -17.06 -14.50 2.40
CA ALA A 2 -16.65 -13.92 1.08
C ALA A 2 -15.17 -13.51 1.16
N SER A 3 -14.46 -13.74 0.06
CA SER A 3 -13.07 -13.42 0.00
C SER A 3 -12.87 -11.90 0.04
N LYS A 4 -11.84 -11.52 0.77
CA LYS A 4 -11.41 -10.11 0.76
C LYS A 4 -10.72 -9.77 -0.56
N ARG A 5 -10.71 -8.47 -0.88
CA ARG A 5 -10.26 -7.95 -2.13
C ARG A 5 -9.30 -6.78 -1.86
N ALA A 6 -8.16 -6.82 -2.54
CA ALA A 6 -7.12 -5.81 -2.40
C ALA A 6 -6.82 -5.14 -3.73
N LEU A 7 -6.69 -3.80 -3.71
CA LEU A 7 -6.28 -3.05 -4.83
C LEU A 7 -4.87 -2.57 -4.58
N VAL A 8 -3.96 -2.99 -5.43
CA VAL A 8 -2.53 -2.54 -5.40
C VAL A 8 -2.28 -1.61 -6.57
N ILE A 9 -1.98 -0.35 -6.25
CA ILE A 9 -1.80 0.66 -7.29
C ILE A 9 -0.37 0.74 -7.73
N LEU A 10 -0.13 0.41 -8.98
CA LEU A 10 1.21 0.23 -9.56
C LEU A 10 1.57 1.33 -10.58
N ALA A 11 2.44 2.23 -10.15
CA ALA A 11 2.99 3.36 -10.92
C ALA A 11 4.42 3.15 -11.39
N LYS A 12 4.80 3.77 -12.52
CA LYS A 12 6.16 3.83 -12.93
C LYS A 12 7.02 4.24 -11.75
N GLY A 13 8.11 3.52 -11.53
CA GLY A 13 9.04 3.88 -10.48
C GLY A 13 8.63 3.28 -9.13
N ALA A 14 7.60 2.45 -9.10
CA ALA A 14 7.27 1.71 -7.86
C ALA A 14 8.47 0.84 -7.49
N GLU A 15 8.63 0.63 -6.19
CA GLU A 15 9.65 -0.33 -5.72
C GLU A 15 9.08 -1.73 -5.91
N GLU A 16 9.73 -2.49 -6.80
CA GLU A 16 9.18 -3.78 -7.21
C GLU A 16 9.08 -4.78 -6.05
N MET A 17 10.06 -4.73 -5.10
CA MET A 17 9.94 -5.64 -3.97
C MET A 17 8.70 -5.32 -3.10
N GLU A 18 8.48 -4.02 -2.90
CA GLU A 18 7.34 -3.56 -2.12
C GLU A 18 6.00 -3.79 -2.80
N THR A 19 6.05 -4.00 -4.12
CA THR A 19 4.87 -4.34 -4.90
C THR A 19 4.62 -5.85 -4.84
N VAL A 20 5.67 -6.62 -5.20
CA VAL A 20 5.50 -8.07 -5.31
C VAL A 20 5.30 -8.81 -3.99
N ILE A 21 6.00 -8.38 -2.93
CA ILE A 21 5.88 -9.12 -1.69
C ILE A 21 4.42 -9.04 -1.16
N PRO A 22 3.84 -7.83 -1.09
CA PRO A 22 2.44 -7.80 -0.62
C PRO A 22 1.45 -8.52 -1.57
N VAL A 23 1.66 -8.37 -2.87
CA VAL A 23 0.75 -9.10 -3.80
C VAL A 23 0.77 -10.61 -3.52
N ASP A 24 1.98 -11.14 -3.49
CA ASP A 24 2.19 -12.57 -3.32
C ASP A 24 1.65 -13.05 -1.98
N VAL A 25 2.07 -12.38 -0.90
CA VAL A 25 1.66 -12.77 0.40
C VAL A 25 0.09 -12.68 0.58
N MET A 26 -0.49 -11.62 0.03
CA MET A 26 -1.96 -11.52 0.14
C MET A 26 -2.66 -12.65 -0.65
N ARG A 27 -2.11 -12.97 -1.81
CA ARG A 27 -2.65 -14.11 -2.59
C ARG A 27 -2.51 -15.41 -1.84
N ARG A 28 -1.38 -15.61 -1.19
CA ARG A 28 -1.20 -16.76 -0.32
C ARG A 28 -2.28 -16.88 0.78
N ALA A 29 -2.74 -15.69 1.23
CA ALA A 29 -3.82 -15.60 2.23
C ALA A 29 -5.22 -15.73 1.65
N GLY A 30 -5.33 -16.03 0.36
CA GLY A 30 -6.66 -16.16 -0.29
C GLY A 30 -7.35 -14.84 -0.62
N ILE A 31 -6.63 -13.73 -0.50
CA ILE A 31 -7.17 -12.45 -0.90
C ILE A 31 -7.15 -12.31 -2.39
N LYS A 32 -8.23 -11.77 -2.95
CA LYS A 32 -8.28 -11.45 -4.35
C LYS A 32 -7.60 -10.14 -4.58
N VAL A 33 -6.45 -10.18 -5.22
CA VAL A 33 -5.66 -9.02 -5.45
C VAL A 33 -5.69 -8.55 -6.91
N THR A 34 -6.00 -7.27 -7.06
CA THR A 34 -5.85 -6.58 -8.32
C THR A 34 -4.67 -5.64 -8.41
N VAL A 35 -3.70 -6.01 -9.23
CA VAL A 35 -2.57 -5.16 -9.56
C VAL A 35 -3.03 -4.21 -10.66
N ALA A 36 -3.22 -2.95 -10.24
CA ALA A 36 -3.81 -1.92 -11.12
C ALA A 36 -2.79 -0.90 -11.60
N GLY A 37 -2.65 -0.80 -12.90
CA GLY A 37 -1.72 0.13 -13.51
C GLY A 37 -2.23 1.56 -13.45
N LEU A 38 -1.50 2.44 -12.77
CA LEU A 38 -1.87 3.85 -12.71
C LEU A 38 -2.08 4.44 -14.11
N ALA A 39 -1.11 4.23 -14.97
CA ALA A 39 -1.05 4.83 -16.33
C ALA A 39 -1.95 4.18 -17.38
N GLY A 40 -2.57 3.06 -17.05
CA GLY A 40 -3.31 2.26 -18.05
C GLY A 40 -2.96 0.78 -17.93
N LYS A 41 -3.16 0.03 -19.00
CA LYS A 41 -3.13 -1.43 -18.97
C LYS A 41 -1.72 -2.01 -19.24
N ASP A 42 -0.79 -1.17 -19.69
CA ASP A 42 0.50 -1.56 -20.21
C ASP A 42 1.51 -1.88 -19.10
N PRO A 43 2.59 -2.60 -19.45
CA PRO A 43 3.55 -3.02 -18.45
C PRO A 43 4.19 -1.80 -17.77
N VAL A 44 4.61 -1.99 -16.54
CA VAL A 44 5.14 -0.91 -15.70
C VAL A 44 6.62 -1.16 -15.39
N GLN A 45 7.47 -0.19 -15.66
CA GLN A 45 8.88 -0.21 -15.34
C GLN A 45 9.06 0.26 -13.92
N CYS A 46 9.37 -0.70 -13.06
CA CYS A 46 9.59 -0.39 -11.64
C CYS A 46 10.94 0.29 -11.44
N SER A 47 11.22 0.68 -10.19
CA SER A 47 12.39 1.44 -9.84
C SER A 47 13.74 0.86 -10.22
N ARG A 48 13.83 -0.47 -10.10
CA ARG A 48 15.09 -1.17 -10.42
C ARG A 48 14.86 -1.99 -11.72
N ASP A 49 13.96 -1.48 -12.57
CA ASP A 49 13.85 -1.94 -13.95
C ASP A 49 13.20 -3.28 -14.13
N VAL A 50 12.68 -3.88 -13.07
CA VAL A 50 11.78 -4.97 -13.23
C VAL A 50 10.46 -4.46 -13.87
N VAL A 51 10.01 -5.20 -14.88
CA VAL A 51 8.79 -4.85 -15.63
C VAL A 51 7.65 -5.80 -15.27
N ILE A 52 6.58 -5.25 -14.68
CA ILE A 52 5.44 -5.96 -14.24
C ILE A 52 4.27 -5.59 -15.08
N CYS A 53 3.53 -6.60 -15.52
CA CYS A 53 2.28 -6.40 -16.27
C CYS A 53 1.11 -6.41 -15.32
N PRO A 54 0.43 -5.23 -15.20
CA PRO A 54 -0.71 -5.12 -14.31
C PRO A 54 -1.88 -6.00 -14.77
N ASP A 55 -2.71 -6.41 -13.82
CA ASP A 55 -3.90 -7.17 -14.10
C ASP A 55 -4.94 -6.36 -14.91
N ALA A 56 -4.90 -5.03 -14.70
CA ALA A 56 -5.94 -4.09 -15.19
C ALA A 56 -5.36 -2.68 -15.09
N SER A 57 -5.94 -1.73 -15.83
CA SER A 57 -5.76 -0.32 -15.61
C SER A 57 -6.43 0.02 -14.28
N LEU A 58 -5.95 1.11 -13.66
CA LEU A 58 -6.62 1.61 -12.47
C LEU A 58 -8.06 2.04 -12.80
N GLU A 59 -8.21 2.63 -13.97
CA GLU A 59 -9.52 3.10 -14.46
C GLU A 59 -10.55 1.97 -14.46
N ASP A 60 -10.12 0.83 -15.00
CA ASP A 60 -10.96 -0.38 -14.99
C ASP A 60 -11.15 -0.98 -13.61
N ALA A 61 -10.06 -1.08 -12.84
CA ALA A 61 -10.16 -1.67 -11.51
C ALA A 61 -11.08 -0.86 -10.57
N LYS A 62 -11.08 0.47 -10.74
CA LYS A 62 -11.94 1.30 -9.90
C LYS A 62 -13.43 0.92 -10.08
N LYS A 63 -13.77 0.51 -11.28
CA LYS A 63 -15.17 0.14 -11.58
C LYS A 63 -15.64 -1.09 -10.83
N GLU A 64 -14.65 -1.90 -10.40
CA GLU A 64 -14.90 -3.12 -9.66
C GLU A 64 -14.79 -2.92 -8.16
N GLY A 65 -14.55 -1.68 -7.72
CA GLY A 65 -14.53 -1.36 -6.29
C GLY A 65 -15.90 -1.38 -5.61
N PRO A 66 -15.89 -1.13 -4.28
CA PRO A 66 -14.70 -0.83 -3.46
C PRO A 66 -13.97 -2.10 -3.00
N TYR A 67 -12.80 -1.86 -2.42
CA TYR A 67 -11.87 -2.92 -1.98
C TYR A 67 -11.71 -2.90 -0.46
N ASP A 68 -11.38 -4.05 0.14
CA ASP A 68 -11.17 -4.14 1.56
C ASP A 68 -9.83 -3.45 1.99
N VAL A 69 -8.87 -3.38 1.06
CA VAL A 69 -7.64 -2.60 1.28
C VAL A 69 -7.20 -1.98 -0.03
N VAL A 70 -6.64 -0.76 0.04
CA VAL A 70 -5.97 -0.12 -1.03
C VAL A 70 -4.51 -0.03 -0.56
N VAL A 71 -3.60 -0.54 -1.41
CA VAL A 71 -2.20 -0.68 -1.07
C VAL A 71 -1.36 0.20 -1.98
N LEU A 72 -0.54 1.03 -1.32
CA LEU A 72 0.37 1.91 -2.03
C LEU A 72 1.82 1.48 -1.79
N PRO A 73 2.48 0.87 -2.79
CA PRO A 73 3.92 0.61 -2.71
C PRO A 73 4.70 1.90 -2.63
N GLY A 74 5.97 1.81 -2.25
CA GLY A 74 6.86 2.94 -2.27
C GLY A 74 7.69 2.97 -3.53
N GLY A 75 8.94 3.38 -3.37
CA GLY A 75 9.78 3.85 -4.47
C GLY A 75 9.54 5.36 -4.58
N ASN A 76 10.60 6.17 -4.59
CA ASN A 76 10.41 7.63 -4.56
C ASN A 76 9.60 8.10 -5.74
N LEU A 77 9.98 7.61 -6.92
CA LEU A 77 9.32 8.07 -8.12
C LEU A 77 7.89 7.48 -8.26
N GLY A 78 7.70 6.25 -7.84
CA GLY A 78 6.35 5.68 -7.75
C GLY A 78 5.42 6.47 -6.84
N ALA A 79 5.95 6.80 -5.68
CA ALA A 79 5.16 7.54 -4.71
C ALA A 79 4.83 8.92 -5.21
N GLN A 80 5.77 9.56 -5.91
CA GLN A 80 5.50 10.85 -6.50
CA GLN A 80 5.51 10.87 -6.51
C GLN A 80 4.37 10.77 -7.53
N ASN A 81 4.42 9.73 -8.38
CA ASN A 81 3.35 9.55 -9.36
C ASN A 81 2.01 9.30 -8.68
N LEU A 82 2.01 8.52 -7.59
CA LEU A 82 0.76 8.33 -6.84
C LEU A 82 0.26 9.67 -6.26
N SER A 83 1.19 10.44 -5.72
CA SER A 83 0.87 11.72 -5.03
C SER A 83 0.29 12.75 -5.99
N GLU A 84 0.69 12.67 -7.26
CA GLU A 84 0.27 13.62 -8.29
C GLU A 84 -1.03 13.23 -8.98
N SER A 85 -1.56 12.05 -8.66
CA SER A 85 -2.70 11.52 -9.37
C SER A 85 -4.03 11.89 -8.76
N ALA A 86 -4.86 12.57 -9.57
CA ALA A 86 -6.22 12.83 -9.18
C ALA A 86 -7.06 11.54 -9.00
N ALA A 87 -6.77 10.51 -9.82
CA ALA A 87 -7.47 9.22 -9.68
C ALA A 87 -7.16 8.56 -8.33
N VAL A 88 -5.89 8.62 -7.94
CA VAL A 88 -5.52 8.11 -6.62
C VAL A 88 -6.21 8.90 -5.52
N LYS A 89 -6.26 10.24 -5.67
CA LYS A 89 -6.92 11.06 -4.64
C LYS A 89 -8.36 10.59 -4.38
N GLU A 90 -9.07 10.36 -5.51
CA GLU A 90 -10.48 9.96 -5.46
C GLU A 90 -10.65 8.60 -4.78
N ILE A 91 -9.77 7.67 -5.16
CA ILE A 91 -9.84 6.33 -4.57
C ILE A 91 -9.59 6.33 -3.06
N LEU A 92 -8.59 7.11 -2.64
CA LEU A 92 -8.23 7.10 -1.24
C LEU A 92 -9.27 7.82 -0.36
N LYS A 93 -9.79 8.91 -0.93
CA LYS A 93 -10.86 9.69 -0.25
CA LYS A 93 -10.85 9.68 -0.21
C LYS A 93 -12.08 8.78 -0.04
N GLU A 94 -12.48 8.09 -1.11
CA GLU A 94 -13.60 7.14 -1.01
C GLU A 94 -13.32 6.05 0.00
N GLN A 95 -12.10 5.49 -0.04
CA GLN A 95 -11.77 4.47 0.92
C GLN A 95 -11.83 4.92 2.41
N GLU A 96 -11.26 6.11 2.63
CA GLU A 96 -11.25 6.66 3.96
C GLU A 96 -12.70 6.93 4.40
N ASN A 97 -13.50 7.49 3.50
CA ASN A 97 -14.89 7.86 3.84
CA ASN A 97 -14.88 7.86 3.90
C ASN A 97 -15.71 6.62 4.23
N ARG A 98 -15.45 5.51 3.56
CA ARG A 98 -16.12 4.24 3.92
C ARG A 98 -15.47 3.41 5.02
N LYS A 99 -14.42 3.92 5.68
CA LYS A 99 -13.78 3.20 6.77
C LYS A 99 -13.17 1.89 6.25
N GLY A 100 -12.58 1.98 5.05
CA GLY A 100 -11.78 0.87 4.50
C GLY A 100 -10.29 1.11 4.78
N LEU A 101 -9.58 -0.03 4.92
CA LEU A 101 -8.13 0.01 5.19
C LEU A 101 -7.35 0.60 4.04
N ILE A 102 -6.35 1.41 4.43
CA ILE A 102 -5.36 1.92 3.48
C ILE A 102 -3.98 1.60 4.03
N ALA A 103 -3.15 0.99 3.16
CA ALA A 103 -1.83 0.48 3.54
C ALA A 103 -0.77 1.08 2.61
N ALA A 104 0.29 1.65 3.18
CA ALA A 104 1.32 2.32 2.38
C ALA A 104 2.68 2.07 2.99
N ILE A 105 3.68 1.87 2.13
CA ILE A 105 5.04 1.50 2.60
C ILE A 105 6.10 2.39 1.96
N CYS A 106 7.14 2.65 2.75
CA CYS A 106 8.40 3.29 2.35
C CYS A 106 8.16 4.77 2.08
N ALA A 107 8.22 5.25 0.83
CA ALA A 107 7.75 6.61 0.47
C ALA A 107 6.26 6.66 0.19
N GLY A 108 5.64 5.49 0.01
CA GLY A 108 4.21 5.41 -0.24
C GLY A 108 3.32 6.29 0.66
N PRO A 109 3.63 6.33 1.98
CA PRO A 109 2.76 7.16 2.85
C PRO A 109 2.76 8.64 2.49
N THR A 110 3.77 9.13 1.78
CA THR A 110 3.75 10.54 1.37
C THR A 110 2.58 10.86 0.42
N ALA A 111 2.05 9.87 -0.28
CA ALA A 111 0.82 10.07 -1.06
C ALA A 111 -0.40 10.34 -0.16
N LEU A 112 -0.43 9.75 1.04
CA LEU A 112 -1.47 10.08 2.00
C LEU A 112 -1.40 11.56 2.34
N LEU A 113 -0.19 12.08 2.55
CA LEU A 113 -0.06 13.52 2.81
C LEU A 113 -0.56 14.34 1.64
N ALA A 114 -0.15 13.97 0.42
CA ALA A 114 -0.49 14.73 -0.76
C ALA A 114 -2.02 14.80 -0.97
N HIS A 115 -2.68 13.72 -0.60
CA HIS A 115 -4.12 13.58 -0.80
C HIS A 115 -4.91 13.88 0.46
N GLU A 116 -4.23 14.40 1.50
CA GLU A 116 -4.87 14.78 2.81
C GLU A 116 -5.67 13.67 3.50
N ILE A 117 -5.06 12.48 3.54
CA ILE A 117 -5.64 11.29 4.08
C ILE A 117 -5.14 10.96 5.46
N GLY A 118 -6.07 10.71 6.38
CA GLY A 118 -5.72 10.18 7.66
C GLY A 118 -4.93 11.12 8.54
N PHE A 119 -5.14 12.43 8.38
CA PHE A 119 -4.41 13.35 9.25
C PHE A 119 -4.70 13.07 10.71
N GLY A 120 -3.67 13.22 11.54
CA GLY A 120 -3.70 12.87 12.94
C GLY A 120 -3.27 11.47 13.29
N SER A 121 -3.11 10.64 12.24
CA SER A 121 -2.67 9.28 12.48
C SER A 121 -1.19 9.19 12.87
N LYS A 122 -0.85 8.15 13.63
CA LYS A 122 0.53 7.74 13.83
C LYS A 122 0.93 6.96 12.59
N VAL A 123 2.05 7.32 12.01
CA VAL A 123 2.59 6.74 10.79
C VAL A 123 4.07 6.49 10.87
N THR A 124 4.55 5.55 10.04
CA THR A 124 5.94 5.45 9.73
C THR A 124 6.16 5.56 8.22
N THR A 125 7.43 5.74 7.85
CA THR A 125 7.88 5.82 6.48
C THR A 125 9.31 5.29 6.43
N HIS A 126 9.86 5.22 5.22
CA HIS A 126 11.28 5.09 5.13
C HIS A 126 11.94 6.27 5.89
N PRO A 127 13.07 5.99 6.55
CA PRO A 127 13.74 7.12 7.22
C PRO A 127 13.97 8.33 6.32
N LEU A 128 14.32 8.11 5.03
CA LEU A 128 14.58 9.22 4.13
C LEU A 128 13.34 9.99 3.68
N ALA A 129 12.16 9.45 3.95
CA ALA A 129 10.91 10.08 3.61
C ALA A 129 10.25 10.78 4.81
N LYS A 130 10.89 10.70 5.98
CA LYS A 130 10.28 11.24 7.19
C LYS A 130 9.99 12.74 7.06
N ASP A 131 10.98 13.52 6.65
CA ASP A 131 10.79 14.95 6.65
C ASP A 131 9.70 15.37 5.68
N LYS A 132 9.59 14.68 4.55
CA LYS A 132 8.52 14.96 3.60
C LYS A 132 7.14 14.67 4.25
N MET A 133 7.01 13.49 4.87
CA MET A 133 5.74 13.07 5.44
C MET A 133 5.33 14.03 6.56
N MET A 134 6.32 14.52 7.31
CA MET A 134 6.07 15.34 8.50
C MET A 134 5.96 16.83 8.23
N ASN A 135 5.95 17.25 6.98
CA ASN A 135 5.87 18.65 6.61
C ASN A 135 4.48 19.16 7.04
N GLY A 136 4.45 20.07 8.03
CA GLY A 136 3.17 20.57 8.55
C GLY A 136 2.78 19.92 9.84
N GLY A 137 3.43 18.82 10.24
CA GLY A 137 3.06 18.12 11.46
C GLY A 137 1.67 17.53 11.49
N HIS A 138 1.21 17.06 10.33
CA HIS A 138 -0.14 16.52 10.19
C HIS A 138 -0.32 15.07 10.66
N TYR A 139 0.79 14.43 10.94
CA TYR A 139 0.85 13.08 11.49
C TYR A 139 1.82 13.06 12.65
N THR A 140 1.76 11.99 13.46
CA THR A 140 2.71 11.73 14.45
CA THR A 140 2.79 11.73 14.47
C THR A 140 3.64 10.61 13.94
N TYR A 141 4.94 10.78 14.09
CA TYR A 141 5.89 9.84 13.51
C TYR A 141 6.30 8.74 14.43
N SER A 142 6.47 7.55 13.85
CA SER A 142 6.83 6.35 14.53
C SER A 142 8.03 5.68 13.82
N GLU A 143 8.89 5.03 14.60
CA GLU A 143 9.99 4.26 14.07
C GLU A 143 9.66 2.75 14.09
N ASN A 144 8.42 2.41 14.40
CA ASN A 144 8.02 1.00 14.35
C ASN A 144 8.09 0.48 12.91
N ARG A 145 8.49 -0.77 12.78
CA ARG A 145 8.69 -1.38 11.44
C ARG A 145 7.38 -1.42 10.66
N VAL A 146 6.28 -1.68 11.36
CA VAL A 146 4.94 -1.53 10.87
C VAL A 146 4.16 -0.72 11.92
N GLU A 147 3.34 0.22 11.45
CA GLU A 147 2.48 1.02 12.32
C GLU A 147 1.05 0.85 11.82
N LYS A 148 0.17 0.39 12.69
CA LYS A 148 -1.26 0.34 12.33
C LYS A 148 -2.01 1.25 13.32
N ASP A 149 -2.55 2.35 12.82
CA ASP A 149 -3.35 3.26 13.60
C ASP A 149 -4.73 3.23 12.96
N GLY A 150 -5.59 2.41 13.55
CA GLY A 150 -6.92 2.28 12.98
C GLY A 150 -6.83 1.72 11.58
N LEU A 151 -7.38 2.44 10.61
CA LEU A 151 -7.43 2.01 9.22
C LEU A 151 -6.32 2.60 8.32
N ILE A 152 -5.31 3.17 8.96
CA ILE A 152 -4.07 3.62 8.27
C ILE A 152 -2.90 2.76 8.73
N LEU A 153 -2.36 1.97 7.78
CA LEU A 153 -1.32 1.01 8.10
C LEU A 153 -0.11 1.35 7.24
N THR A 154 0.98 1.63 7.91
CA THR A 154 2.18 2.09 7.21
C THR A 154 3.40 1.24 7.60
N SER A 155 4.42 1.29 6.76
CA SER A 155 5.63 0.54 7.05
C SER A 155 6.82 1.22 6.35
N ARG A 156 8.02 0.69 6.62
CA ARG A 156 9.26 1.48 6.37
C ARG A 156 10.02 1.22 5.08
N GLY A 157 10.10 0.00 4.60
CA GLY A 157 11.01 -0.25 3.45
C GLY A 157 10.95 -1.65 2.93
N PRO A 158 11.85 -1.96 1.97
CA PRO A 158 11.80 -3.31 1.39
C PRO A 158 11.93 -4.36 2.45
N GLY A 159 12.80 -4.12 3.42
CA GLY A 159 13.04 -5.07 4.45
C GLY A 159 11.96 -5.22 5.51
N THR A 160 10.92 -4.38 5.44
CA THR A 160 9.75 -4.52 6.30
C THR A 160 8.55 -5.01 5.48
N SER A 161 8.74 -5.36 4.20
CA SER A 161 7.62 -5.67 3.32
C SER A 161 6.89 -6.95 3.73
N PHE A 162 7.57 -7.97 4.24
CA PHE A 162 6.87 -9.16 4.71
C PHE A 162 6.01 -8.82 5.92
N GLU A 163 6.58 -8.05 6.84
CA GLU A 163 5.86 -7.67 8.03
C GLU A 163 4.62 -6.83 7.66
N PHE A 164 4.78 -5.91 6.73
CA PHE A 164 3.70 -5.08 6.19
C PHE A 164 2.62 -5.94 5.59
N ALA A 165 3.01 -6.86 4.73
CA ALA A 165 2.04 -7.72 4.06
C ALA A 165 1.29 -8.60 5.05
N LEU A 166 1.99 -9.14 6.04
CA LEU A 166 1.37 -10.02 7.03
C LEU A 166 0.43 -9.21 7.94
N ALA A 167 0.75 -7.92 8.16
CA ALA A 167 -0.14 -7.06 8.95
C ALA A 167 -1.43 -6.82 8.18
N ILE A 168 -1.35 -6.63 6.87
CA ILE A 168 -2.55 -6.51 6.02
C ILE A 168 -3.36 -7.79 6.16
N VAL A 169 -2.71 -8.94 6.02
CA VAL A 169 -3.42 -10.22 6.07
C VAL A 169 -4.12 -10.36 7.42
N GLU A 170 -3.42 -10.03 8.50
CA GLU A 170 -3.99 -10.11 9.85
C GLU A 170 -5.21 -9.16 9.96
N ALA A 171 -5.12 -7.95 9.41
CA ALA A 171 -6.22 -7.00 9.48
C ALA A 171 -7.45 -7.48 8.73
N LEU A 172 -7.26 -8.17 7.62
CA LEU A 172 -8.38 -8.60 6.78
C LEU A 172 -8.90 -10.00 7.18
N ASN A 173 -7.96 -10.94 7.42
CA ASN A 173 -8.32 -12.31 7.58
C ASN A 173 -8.04 -12.92 8.95
N GLY A 174 -7.45 -12.13 9.84
CA GLY A 174 -7.14 -12.55 11.18
C GLY A 174 -5.78 -13.14 11.44
N LYS A 175 -5.45 -13.19 12.71
CA LYS A 175 -4.17 -13.63 13.24
C LYS A 175 -3.82 -15.06 12.79
N GLU A 176 -4.79 -15.96 12.81
CA GLU A 176 -4.48 -17.38 12.55
C GLU A 176 -4.12 -17.56 11.08
N VAL A 177 -4.85 -16.94 10.19
CA VAL A 177 -4.52 -17.00 8.75
C VAL A 177 -3.15 -16.38 8.53
N ALA A 178 -2.88 -15.23 9.15
CA ALA A 178 -1.55 -14.64 8.94
C ALA A 178 -0.44 -15.59 9.42
N ALA A 179 -0.59 -16.25 10.57
CA ALA A 179 0.38 -17.21 11.05
C ALA A 179 0.55 -18.40 10.14
N GLN A 180 -0.56 -18.90 9.60
CA GLN A 180 -0.51 -20.02 8.66
CA GLN A 180 -0.45 -20.04 8.71
C GLN A 180 0.25 -19.64 7.38
N VAL A 181 -0.01 -18.44 6.88
CA VAL A 181 0.65 -17.92 5.65
C VAL A 181 2.15 -17.73 5.95
N LYS A 182 2.44 -17.20 7.13
CA LYS A 182 3.85 -16.90 7.48
C LYS A 182 4.77 -18.12 7.55
N ALA A 183 4.27 -19.22 8.11
CA ALA A 183 5.17 -20.34 8.45
C ALA A 183 5.98 -20.87 7.26
N PRO A 184 5.34 -21.11 6.10
CA PRO A 184 6.14 -21.67 4.99
C PRO A 184 7.12 -20.67 4.38
N LEU A 185 7.07 -19.41 4.78
CA LEU A 185 7.91 -18.42 4.12
C LEU A 185 9.37 -18.43 4.58
N VAL A 186 9.63 -19.07 5.71
CA VAL A 186 10.98 -19.13 6.28
C VAL A 186 11.49 -17.72 6.67
N LEU A 187 10.62 -16.98 7.33
CA LEU A 187 10.99 -15.68 7.90
C LEU A 187 11.73 -15.82 9.20
N LYS A 188 12.56 -14.85 9.55
CA LYS A 188 13.31 -14.96 10.83
C LYS A 188 12.34 -14.58 11.96
O11 72R B . 10.06 4.66 -1.28
C8 72R B . 11.20 4.36 -0.95
N7 72R B . 12.17 5.20 -0.56
C6 72R B . 13.27 4.45 -0.32
C5 72R B . 14.51 4.83 -0.10
C4 72R B . 15.49 3.88 0.05
C3 72R B . 15.20 2.52 -0.02
F10 72R B . 16.20 1.68 0.11
C2 72R B . 13.90 2.12 -0.30
C1 72R B . 12.98 3.11 -0.44
C9 72R B . 11.58 3.05 -0.62
O12 72R B . 11.14 2.04 -1.45
CL CL C . 13.30 4.57 -4.99
#